data_6H1A
#
_entry.id   6H1A
#
_cell.length_a   56.371
_cell.length_b   97.744
_cell.length_c   110.835
_cell.angle_alpha   90.000
_cell.angle_beta   90.000
_cell.angle_gamma   90.000
#
_symmetry.space_group_name_H-M   'P 21 21 21'
#
loop_
_entity.id
_entity.type
_entity.pdbx_description
1 polymer 'Bile salt-activated lipase'
2 non-polymer 'ZINC ION'
3 non-polymer 'ACETATE ION'
4 water water
#
_entity_poly.entity_id   1
_entity_poly.type   'polypeptide(L)'
_entity_poly.pdbx_seq_one_letter_code
;HHHHHHHHENLYFQSKLGAVYTEGGFVEGVNKKLGLLGDSVDIFKGIPFAAPTKALENPQPHPGWQGTLKAKNFKKRCLQ
ATITQDSTYGDEDCLYLNIWVPQGRKQVSRDLPVMIWIYGGAFLMGSGHGANFLNNYLYDGEEIATRGNVIVVTFNYRVG
PLGFLSTGDANLPGNYGLRDQHMAIAWVKRNIAAFGGDPDNITLFGE(SVX)AGGASVSLQTLSPYNKGLIRRAISQSGV
ALSPWVIQKNPLFWAKKVAEKVGCPVGDAARMAQCLKVTDPRALTLAYKVPLAGLEYPMLHYVGFVPVIDGDFIPDDPIN
LYANAADIDYIAGTNNMDGHIFASIDMPAINKGNKKVTEEDFYKLVSEFTITKGLRGAKTTFDVYTESWAQDPSQENKKK
TVVDFETDVLFLVPTEIALAQHRANAKSAKTYAYLFSHPSRMPVYPKWVGADHADDIQYVFGKPFATPTGYRPQDRTVSK
AMIAYWTNFAKTGDPNMGDSAVPTHWEPYTTENSGYLEITKKMGSSSMKRSLRTNFLRYWTLTYLALPTVT
;
_entity_poly.pdbx_strand_id   A
#
loop_
_chem_comp.id
_chem_comp.type
_chem_comp.name
_chem_comp.formula
ACT non-polymer 'ACETATE ION' 'C2 H3 O2 -1'
ZN non-polymer 'ZINC ION' 'Zn 2'
#
# COMPACT_ATOMS: atom_id res chain seq x y z
N GLN A 14 24.24 -26.62 8.56
CA GLN A 14 24.43 -26.90 7.15
C GLN A 14 23.13 -26.69 6.36
N SER A 15 21.99 -26.78 7.05
CA SER A 15 20.69 -26.54 6.43
C SER A 15 19.98 -25.34 7.04
N LYS A 16 20.66 -24.54 7.86
CA LYS A 16 20.08 -23.33 8.45
C LYS A 16 21.17 -22.28 8.57
N LEU A 17 20.75 -21.03 8.80
CA LEU A 17 21.66 -19.89 8.66
C LEU A 17 22.63 -19.75 9.85
N GLY A 18 22.14 -19.91 11.07
CA GLY A 18 23.05 -19.54 12.15
C GLY A 18 23.24 -18.02 12.20
N ALA A 19 24.37 -17.60 12.76
CA ALA A 19 24.65 -16.17 12.91
C ALA A 19 24.98 -15.55 11.56
N VAL A 20 24.28 -14.49 11.19
CA VAL A 20 24.44 -13.88 9.87
C VAL A 20 25.24 -12.61 9.99
N TYR A 21 26.21 -12.46 9.10
CA TYR A 21 27.10 -11.32 9.09
C TYR A 21 26.47 -10.19 8.27
N THR A 22 25.99 -9.15 8.95
CA THR A 22 25.48 -7.96 8.27
C THR A 22 26.43 -6.79 8.45
N GLU A 23 26.13 -5.69 7.74
CA GLU A 23 27.01 -4.52 7.78
C GLU A 23 27.13 -3.94 9.19
N GLY A 24 26.08 -4.05 10.00
CA GLY A 24 26.17 -3.58 11.38
C GLY A 24 26.75 -4.56 12.37
N GLY A 25 26.96 -5.81 11.97
CA GLY A 25 27.48 -6.84 12.84
C GLY A 25 26.68 -8.12 12.71
N PHE A 26 26.95 -9.06 13.61
CA PHE A 26 26.32 -10.38 13.53
C PHE A 26 24.90 -10.33 14.06
N VAL A 27 24.02 -11.12 13.42
CA VAL A 27 22.61 -11.20 13.76
C VAL A 27 22.24 -12.67 13.90
N GLU A 28 21.53 -13.01 14.96
CA GLU A 28 21.06 -14.36 15.22
C GLU A 28 19.54 -14.34 15.29
N GLY A 29 18.90 -15.20 14.50
CA GLY A 29 17.46 -15.34 14.52
C GLY A 29 17.01 -16.64 15.14
N VAL A 30 15.88 -17.17 14.67
CA VAL A 30 15.33 -18.43 15.15
C VAL A 30 15.11 -19.34 13.94
N ASN A 31 15.40 -20.62 14.11
CA ASN A 31 15.06 -21.64 13.11
C ASN A 31 13.80 -22.39 13.54
N LYS A 32 12.82 -22.44 12.68
CA LYS A 32 11.57 -23.13 12.95
C LYS A 32 11.48 -24.31 11.99
N LYS A 33 11.54 -25.52 12.52
CA LYS A 33 11.41 -26.71 11.70
C LYS A 33 9.98 -26.83 11.18
N LEU A 34 9.85 -27.18 9.89
CA LEU A 34 8.56 -27.28 9.23
C LEU A 34 8.37 -28.68 8.68
N GLY A 35 7.21 -29.26 8.92
CA GLY A 35 6.95 -30.61 8.46
C GLY A 35 7.88 -31.62 9.12
N LEU A 36 7.93 -32.80 8.52
CA LEU A 36 8.63 -33.93 9.12
C LEU A 36 9.96 -34.26 8.44
N LEU A 37 10.19 -33.79 7.21
CA LEU A 37 11.23 -34.35 6.35
C LEU A 37 12.47 -33.47 6.20
N GLY A 38 12.61 -32.41 7.01
CA GLY A 38 13.83 -31.61 7.02
C GLY A 38 13.69 -30.14 6.65
N ASP A 39 12.54 -29.69 6.14
CA ASP A 39 12.37 -28.28 5.81
C ASP A 39 12.33 -27.43 7.07
N SER A 40 12.63 -26.14 6.92
CA SER A 40 12.58 -25.21 8.04
C SER A 40 12.43 -23.78 7.50
N VAL A 41 12.36 -22.82 8.44
CA VAL A 41 12.34 -21.40 8.07
C VAL A 41 13.13 -20.63 9.11
N ASP A 42 14.02 -19.76 8.66
CA ASP A 42 14.81 -18.90 9.54
C ASP A 42 14.09 -17.57 9.69
N ILE A 43 13.91 -17.13 10.93
CA ILE A 43 13.08 -15.98 11.24
C ILE A 43 13.92 -14.98 12.01
N PHE A 44 13.99 -13.76 11.50
CA PHE A 44 14.71 -12.66 12.13
C PHE A 44 13.73 -11.54 12.39
N LYS A 45 13.66 -11.04 13.63
CA LYS A 45 12.75 -9.95 13.97
C LYS A 45 13.51 -8.86 14.70
N GLY A 46 13.35 -7.62 14.27
CA GLY A 46 13.94 -6.48 14.95
C GLY A 46 15.37 -6.15 14.57
N ILE A 47 15.69 -6.19 13.28
CA ILE A 47 17.00 -5.75 12.79
C ILE A 47 16.91 -4.25 12.51
N PRO A 48 17.74 -3.42 13.14
CA PRO A 48 17.66 -1.98 12.86
C PRO A 48 18.27 -1.65 11.51
N PHE A 49 17.56 -0.83 10.73
CA PHE A 49 18.07 -0.40 9.44
C PHE A 49 18.34 1.09 9.40
N ALA A 50 18.10 1.80 10.50
CA ALA A 50 18.38 3.23 10.58
C ALA A 50 18.39 3.60 12.05
N ALA A 51 18.97 4.76 12.34
CA ALA A 51 19.14 5.23 13.71
C ALA A 51 17.79 5.50 14.36
N PRO A 52 17.73 5.57 15.70
CA PRO A 52 16.56 6.16 16.37
C PRO A 52 16.17 7.49 15.72
N THR A 53 14.88 7.68 15.47
CA THR A 53 14.50 8.84 14.68
C THR A 53 14.48 10.12 15.51
N LYS A 54 14.70 11.23 14.83
CA LYS A 54 14.48 12.58 15.33
C LYS A 54 13.22 13.14 14.68
N ALA A 55 12.39 13.84 15.47
CA ALA A 55 11.11 14.31 14.96
C ALA A 55 11.32 15.20 13.74
N LEU A 56 10.67 14.81 12.63
CA LEU A 56 10.65 15.60 11.39
C LEU A 56 12.05 15.78 10.80
N GLU A 57 12.94 14.82 10.99
CA GLU A 57 14.24 14.81 10.33
C GLU A 57 14.41 13.52 9.52
N ASN A 58 15.20 13.61 8.46
CA ASN A 58 15.40 12.46 7.59
C ASN A 58 16.09 11.32 8.35
N PRO A 59 15.90 10.07 7.94
CA PRO A 59 16.53 8.95 8.64
C PRO A 59 18.04 8.93 8.42
N GLN A 60 18.74 8.34 9.36
CA GLN A 60 20.19 8.32 9.41
C GLN A 60 20.69 6.89 9.55
N PRO A 61 21.95 6.62 9.19
CA PRO A 61 22.47 5.25 9.37
C PRO A 61 22.45 4.84 10.83
N HIS A 62 22.20 3.56 11.05
CA HIS A 62 22.28 3.01 12.40
C HIS A 62 23.71 2.60 12.71
N PRO A 63 24.26 2.98 13.87
CA PRO A 63 25.63 2.57 14.19
C PRO A 63 25.73 1.05 14.35
N GLY A 64 26.89 0.50 14.01
CA GLY A 64 27.10 -0.92 14.18
C GLY A 64 27.11 -1.32 15.65
N TRP A 65 27.11 -2.63 15.90
CA TRP A 65 27.11 -3.15 17.27
C TRP A 65 28.17 -4.22 17.43
N GLN A 66 28.50 -4.49 18.69
CA GLN A 66 29.44 -5.52 19.06
C GLN A 66 28.69 -6.79 19.44
N GLY A 67 29.36 -7.92 19.26
CA GLY A 67 28.70 -9.16 19.61
C GLY A 67 27.64 -9.52 18.59
N THR A 68 26.68 -10.31 19.04
CA THR A 68 25.67 -10.87 18.18
C THR A 68 24.32 -10.30 18.59
N LEU A 69 23.67 -9.60 17.67
CA LEU A 69 22.34 -9.05 17.91
C LEU A 69 21.32 -10.18 17.86
N LYS A 70 20.56 -10.34 18.95
CA LYS A 70 19.49 -11.33 19.00
C LYS A 70 18.25 -10.72 18.35
N ALA A 71 17.89 -11.23 17.17
CA ALA A 71 16.74 -10.73 16.43
C ALA A 71 15.54 -11.63 16.67
N LYS A 72 15.03 -11.58 17.90
CA LYS A 72 14.09 -12.57 18.38
C LYS A 72 12.65 -12.09 18.45
N ASN A 73 12.42 -10.77 18.51
CA ASN A 73 11.09 -10.23 18.78
C ASN A 73 10.84 -9.00 17.91
N PHE A 74 9.58 -8.81 17.52
CA PHE A 74 9.20 -7.57 16.86
C PHE A 74 9.52 -6.40 17.76
N LYS A 75 10.01 -5.30 17.17
CA LYS A 75 10.29 -4.08 17.89
C LYS A 75 9.13 -3.10 17.76
N LYS A 76 9.21 -2.00 18.52
CA LYS A 76 8.10 -1.05 18.59
C LYS A 76 7.81 -0.42 17.24
N ARG A 77 6.52 -0.16 16.97
CA ARG A 77 6.15 0.59 15.80
C ARG A 77 6.44 2.08 16.01
N CYS A 78 6.36 2.84 14.93
CA CYS A 78 6.60 4.28 15.04
C CYS A 78 5.42 4.97 15.72
N LEU A 79 5.72 6.07 16.41
CA LEU A 79 4.72 6.72 17.27
C LEU A 79 3.50 7.12 16.45
N GLN A 80 2.32 6.68 16.90
CA GLN A 80 1.10 6.87 16.12
C GLN A 80 -0.11 6.87 17.05
N ALA A 81 -1.19 7.46 16.55
CA ALA A 81 -2.45 7.47 17.29
C ALA A 81 -3.04 6.06 17.33
N THR A 82 -3.56 5.70 18.49
CA THR A 82 -4.41 4.54 18.61
C THR A 82 -5.72 4.77 17.85
N ILE A 83 -6.45 3.69 17.59
CA ILE A 83 -7.64 3.77 16.74
C ILE A 83 -8.73 4.65 17.35
N THR A 84 -8.80 4.71 18.69
CA THR A 84 -9.65 5.69 19.36
C THR A 84 -9.19 7.13 19.12
N GLN A 85 -7.95 7.33 18.69
CA GLN A 85 -7.32 8.65 18.51
C GLN A 85 -7.24 9.41 19.83
N ASP A 86 -7.29 8.70 20.96
CA ASP A 86 -7.25 9.28 22.30
C ASP A 86 -5.83 9.39 22.84
N SER A 87 -4.93 8.53 22.38
CA SER A 87 -3.61 8.38 22.95
C SER A 87 -2.70 7.86 21.84
N THR A 88 -1.48 7.48 22.20
CA THR A 88 -0.50 7.04 21.22
C THR A 88 0.15 5.75 21.69
N TYR A 89 0.81 5.08 20.76
CA TYR A 89 1.77 4.05 21.15
C TYR A 89 2.82 3.95 20.05
N GLY A 90 3.85 3.16 20.33
CA GLY A 90 5.04 3.17 19.51
C GLY A 90 6.11 4.02 20.15
N ASP A 91 7.17 4.26 19.38
CA ASP A 91 8.35 4.92 19.94
C ASP A 91 9.15 5.53 18.81
N GLU A 92 9.96 6.53 19.15
CA GLU A 92 10.84 7.17 18.17
C GLU A 92 11.87 6.18 17.62
N ASP A 93 12.23 5.16 18.40
CA ASP A 93 13.20 4.15 18.00
C ASP A 93 12.41 3.00 17.38
N CYS A 94 12.16 3.12 16.07
CA CYS A 94 11.19 2.23 15.44
C CYS A 94 11.61 1.68 14.09
N LEU A 95 12.74 2.09 13.53
CA LEU A 95 13.07 1.70 12.15
C LEU A 95 13.78 0.35 12.18
N TYR A 96 12.95 -0.68 12.29
CA TYR A 96 13.38 -2.07 12.34
C TYR A 96 12.75 -2.88 11.21
N LEU A 97 13.43 -3.95 10.79
CA LEU A 97 12.86 -4.86 9.81
C LEU A 97 12.96 -6.31 10.29
N ASN A 98 12.23 -7.16 9.59
CA ASN A 98 12.01 -8.57 9.92
C ASN A 98 12.17 -9.37 8.64
N ILE A 99 12.71 -10.59 8.75
CA ILE A 99 13.04 -11.39 7.56
C ILE A 99 12.67 -12.85 7.80
N TRP A 100 12.01 -13.47 6.80
CA TRP A 100 11.76 -14.90 6.75
C TRP A 100 12.55 -15.49 5.59
N VAL A 101 13.39 -16.48 5.88
CA VAL A 101 14.17 -17.18 4.84
C VAL A 101 13.76 -18.64 4.83
N PRO A 102 13.12 -19.13 3.77
CA PRO A 102 12.78 -20.56 3.73
C PRO A 102 14.03 -21.39 3.52
N GLN A 103 14.04 -22.58 4.11
CA GLN A 103 15.17 -23.49 4.02
C GLN A 103 14.70 -24.87 3.62
N GLY A 104 15.38 -25.45 2.62
CA GLY A 104 15.13 -26.81 2.22
C GLY A 104 15.89 -27.80 3.09
N ARG A 105 15.74 -29.08 2.76
CA ARG A 105 16.23 -30.13 3.64
C ARG A 105 17.63 -30.62 3.28
N LYS A 106 18.29 -30.04 2.28
CA LYS A 106 19.62 -30.48 1.89
C LYS A 106 20.71 -29.45 2.17
N GLN A 107 20.46 -28.17 1.94
CA GLN A 107 21.49 -27.15 2.09
C GLN A 107 20.82 -25.80 2.24
N VAL A 108 21.62 -24.81 2.62
CA VAL A 108 21.09 -23.48 2.91
C VAL A 108 20.72 -22.77 1.61
N SER A 109 19.63 -22.02 1.65
CA SER A 109 19.12 -21.35 0.45
C SER A 109 20.07 -20.25 0.00
N ARG A 110 20.12 -20.03 -1.32
CA ARG A 110 20.96 -19.01 -1.92
C ARG A 110 20.25 -18.39 -3.12
N ASP A 111 20.57 -17.12 -3.40
CA ASP A 111 20.07 -16.40 -4.58
C ASP A 111 18.55 -16.41 -4.68
N LEU A 112 17.85 -16.31 -3.52
CA LEU A 112 16.39 -16.34 -3.55
C LEU A 112 15.80 -14.99 -3.94
N PRO A 113 14.64 -14.98 -4.60
CA PRO A 113 13.93 -13.70 -4.81
C PRO A 113 13.60 -13.09 -3.45
N VAL A 114 13.61 -11.76 -3.40
CA VAL A 114 13.32 -11.05 -2.15
C VAL A 114 12.10 -10.17 -2.36
N MET A 115 11.09 -10.34 -1.52
CA MET A 115 9.87 -9.55 -1.56
C MET A 115 9.81 -8.69 -0.31
N ILE A 116 9.70 -7.38 -0.49
CA ILE A 116 9.63 -6.42 0.62
C ILE A 116 8.20 -5.89 0.68
N TRP A 117 7.55 -6.14 1.81
CA TRP A 117 6.18 -5.71 2.07
C TRP A 117 6.17 -4.29 2.65
N ILE A 118 5.25 -3.46 2.15
CA ILE A 118 4.99 -2.13 2.72
C ILE A 118 3.53 -2.08 3.15
N TYR A 119 3.28 -1.91 4.44
CA TYR A 119 1.90 -1.91 4.93
C TYR A 119 1.18 -0.61 4.62
N GLY A 120 -0.16 -0.69 4.61
CA GLY A 120 -1.02 0.47 4.48
C GLY A 120 -1.56 0.93 5.82
N GLY A 121 -2.63 1.72 5.76
CA GLY A 121 -3.13 2.40 6.95
C GLY A 121 -3.24 3.90 6.75
N ALA A 122 -3.48 4.31 5.50
CA ALA A 122 -3.76 5.70 5.13
C ALA A 122 -2.63 6.66 5.49
N PHE A 123 -1.39 6.16 5.58
CA PHE A 123 -0.19 6.90 5.98
C PHE A 123 -0.28 7.40 7.41
N LEU A 124 -1.22 6.87 8.20
CA LEU A 124 -1.57 7.35 9.52
C LEU A 124 -1.28 6.36 10.62
N MET A 125 -1.23 5.06 10.33
CA MET A 125 -1.08 4.01 11.32
C MET A 125 -0.45 2.80 10.66
N GLY A 126 0.01 1.86 11.48
CA GLY A 126 0.47 0.59 10.96
C GLY A 126 1.83 0.16 11.46
N SER A 127 2.17 -1.12 11.31
CA SER A 127 3.49 -1.65 11.66
C SER A 127 3.82 -2.84 10.76
N GLY A 128 5.05 -3.31 10.88
CA GLY A 128 5.52 -4.42 10.07
C GLY A 128 4.94 -5.78 10.44
N HIS A 129 4.29 -5.92 11.61
CA HIS A 129 3.66 -7.20 11.90
C HIS A 129 2.17 -7.23 11.61
N GLY A 130 1.49 -6.09 11.67
CA GLY A 130 0.07 -6.02 11.39
C GLY A 130 -0.77 -6.48 12.57
N ALA A 131 -2.09 -6.49 12.32
CA ALA A 131 -3.04 -6.87 13.34
C ALA A 131 -2.91 -8.36 13.67
N ASN A 132 -3.14 -8.69 14.93
CA ASN A 132 -3.06 -10.07 15.40
C ASN A 132 -4.46 -10.66 15.55
N PHE A 133 -4.69 -11.82 14.91
CA PHE A 133 -5.98 -12.49 14.90
C PHE A 133 -5.74 -13.99 14.85
N LEU A 134 -6.40 -14.73 15.76
CA LEU A 134 -6.24 -16.17 15.88
C LEU A 134 -4.77 -16.55 16.10
N ASN A 135 -4.11 -15.81 16.99
CA ASN A 135 -2.70 -16.06 17.35
C ASN A 135 -1.78 -16.01 16.14
N ASN A 136 -1.96 -15.01 15.28
CA ASN A 136 -1.17 -14.89 14.06
C ASN A 136 -1.17 -13.44 13.59
N TYR A 137 0.01 -12.87 13.41
CA TYR A 137 0.13 -11.51 12.88
C TYR A 137 -0.16 -11.51 11.39
N LEU A 138 -0.81 -10.45 10.93
CA LEU A 138 -1.30 -10.42 9.55
C LEU A 138 -0.14 -10.52 8.56
N TYR A 139 0.95 -9.77 8.79
CA TYR A 139 2.06 -9.75 7.87
C TYR A 139 3.16 -10.75 8.23
N ASP A 140 2.84 -11.81 8.97
CA ASP A 140 3.77 -12.91 9.19
C ASP A 140 4.15 -13.50 7.84
N GLY A 141 5.43 -13.39 7.45
CA GLY A 141 5.86 -13.78 6.12
C GLY A 141 6.08 -15.25 5.89
N GLU A 142 5.78 -16.09 6.88
CA GLU A 142 6.18 -17.50 6.81
C GLU A 142 5.52 -18.24 5.66
N GLU A 143 4.22 -18.04 5.46
CA GLU A 143 3.51 -18.81 4.44
C GLU A 143 3.98 -18.42 3.05
N ILE A 144 4.14 -17.12 2.79
CA ILE A 144 4.63 -16.69 1.49
C ILE A 144 6.01 -17.26 1.23
N ALA A 145 6.91 -17.09 2.21
CA ALA A 145 8.30 -17.50 2.03
C ALA A 145 8.40 -18.99 1.73
N THR A 146 7.72 -19.81 2.53
CA THR A 146 7.82 -21.27 2.40
C THR A 146 7.06 -21.79 1.19
N ARG A 147 5.89 -21.21 0.89
CA ARG A 147 5.12 -21.71 -0.25
C ARG A 147 5.68 -21.21 -1.57
N GLY A 148 6.36 -20.07 -1.57
CA GLY A 148 6.83 -19.49 -2.82
C GLY A 148 8.32 -19.58 -3.02
N ASN A 149 9.02 -20.10 -2.00
CA ASN A 149 10.48 -20.19 -1.99
CA ASN A 149 10.48 -20.20 -2.03
C ASN A 149 11.12 -18.83 -2.26
N VAL A 150 10.69 -17.83 -1.47
CA VAL A 150 11.18 -16.46 -1.56
C VAL A 150 11.51 -15.98 -0.15
N ILE A 151 12.31 -14.97 -0.09
CA ILE A 151 12.56 -14.26 1.16
C ILE A 151 11.52 -13.15 1.29
N VAL A 152 11.00 -12.95 2.50
CA VAL A 152 10.01 -11.91 2.77
C VAL A 152 10.56 -10.97 3.85
N VAL A 153 10.54 -9.69 3.56
CA VAL A 153 10.97 -8.64 4.49
C VAL A 153 9.75 -7.79 4.83
N THR A 154 9.54 -7.51 6.13
CA THR A 154 8.57 -6.51 6.57
C THR A 154 9.32 -5.49 7.43
N PHE A 155 8.75 -4.30 7.59
CA PHE A 155 9.47 -3.24 8.31
C PHE A 155 8.50 -2.14 8.72
N ASN A 156 8.99 -1.29 9.62
CA ASN A 156 8.25 -0.12 10.10
C ASN A 156 8.72 1.15 9.41
N TYR A 157 7.79 2.06 9.14
CA TYR A 157 8.13 3.41 8.69
C TYR A 157 7.24 4.40 9.42
N ARG A 158 7.66 5.68 9.44
CA ARG A 158 6.96 6.70 10.21
C ARG A 158 5.66 7.10 9.52
N VAL A 159 4.62 7.33 10.33
CA VAL A 159 3.28 7.62 9.83
C VAL A 159 2.74 8.87 10.54
N GLY A 160 1.58 9.34 10.06
CA GLY A 160 0.94 10.49 10.66
C GLY A 160 1.77 11.74 10.50
N PRO A 161 1.50 12.75 11.33
CA PRO A 161 2.34 13.97 11.32
C PRO A 161 3.84 13.72 11.42
N LEU A 162 4.25 12.75 12.24
CA LEU A 162 5.70 12.49 12.38
C LEU A 162 6.30 11.91 11.11
N GLY A 163 5.46 11.32 10.26
CA GLY A 163 5.96 10.78 9.02
C GLY A 163 5.83 11.75 7.85
N PHE A 164 4.89 12.71 7.93
CA PHE A 164 4.52 13.44 6.73
C PHE A 164 4.19 14.92 6.91
N LEU A 165 4.37 15.50 8.10
CA LEU A 165 4.19 16.94 8.25
C LEU A 165 5.09 17.70 7.28
N SER A 166 4.54 18.75 6.66
CA SER A 166 5.31 19.48 5.66
C SER A 166 4.80 20.92 5.58
N THR A 167 5.72 21.84 5.32
CA THR A 167 5.39 23.22 4.99
C THR A 167 5.28 23.47 3.49
N GLY A 168 5.60 22.47 2.66
CA GLY A 168 5.69 22.68 1.24
C GLY A 168 6.98 23.31 0.76
N ASP A 169 7.95 23.55 1.64
CA ASP A 169 9.22 24.17 1.26
C ASP A 169 10.35 23.54 2.08
N ALA A 170 11.55 24.12 1.96
CA ALA A 170 12.73 23.56 2.58
C ALA A 170 12.73 23.63 4.11
N ASN A 171 11.84 24.43 4.71
CA ASN A 171 11.81 24.48 6.17
C ASN A 171 11.35 23.15 6.76
N LEU A 172 10.44 22.47 6.08
CA LEU A 172 9.91 21.18 6.53
C LEU A 172 9.44 20.43 5.29
N PRO A 173 10.36 19.77 4.58
CA PRO A 173 10.05 19.25 3.24
C PRO A 173 9.13 18.05 3.21
N GLY A 174 8.88 17.38 4.35
CA GLY A 174 7.97 16.24 4.36
C GLY A 174 8.59 14.95 3.85
N ASN A 175 7.72 13.95 3.67
CA ASN A 175 8.07 12.64 3.11
C ASN A 175 9.03 11.83 3.99
N TYR A 176 9.06 12.08 5.30
CA TYR A 176 9.99 11.33 6.16
C TYR A 176 9.71 9.84 6.11
N GLY A 177 8.43 9.45 6.13
CA GLY A 177 8.09 8.03 6.03
C GLY A 177 8.48 7.38 4.72
N LEU A 178 8.44 8.13 3.61
CA LEU A 178 8.92 7.57 2.35
C LEU A 178 10.43 7.35 2.39
N ARG A 179 11.15 8.26 3.04
CA ARG A 179 12.59 8.07 3.14
C ARG A 179 12.91 6.86 4.01
N ASP A 180 12.13 6.65 5.08
CA ASP A 180 12.27 5.45 5.90
C ASP A 180 12.15 4.19 5.04
N GLN A 181 11.09 4.12 4.23
CA GLN A 181 10.92 2.98 3.32
C GLN A 181 12.14 2.80 2.42
N HIS A 182 12.63 3.89 1.85
CA HIS A 182 13.79 3.82 0.97
C HIS A 182 15.02 3.28 1.71
N MET A 183 15.19 3.68 2.96
CA MET A 183 16.34 3.20 3.72
C MET A 183 16.25 1.70 3.99
N ALA A 184 15.03 1.17 4.21
CA ALA A 184 14.89 -0.28 4.38
C ALA A 184 15.19 -1.02 3.08
N ILE A 185 14.67 -0.50 1.96
CA ILE A 185 15.00 -1.09 0.65
C ILE A 185 16.52 -1.09 0.43
N ALA A 186 17.15 0.06 0.67
CA ALA A 186 18.60 0.14 0.47
C ALA A 186 19.35 -0.83 1.38
N TRP A 187 18.92 -0.95 2.64
CA TRP A 187 19.57 -1.91 3.53
C TRP A 187 19.45 -3.33 2.98
N VAL A 188 18.26 -3.68 2.46
CA VAL A 188 18.07 -5.01 1.91
C VAL A 188 19.01 -5.24 0.74
N LYS A 189 19.17 -4.24 -0.12
CA LYS A 189 20.04 -4.40 -1.30
C LYS A 189 21.48 -4.67 -0.88
N ARG A 190 21.95 -3.98 0.18
CA ARG A 190 23.32 -4.12 0.66
C ARG A 190 23.54 -5.44 1.40
N ASN A 191 22.53 -5.95 2.10
CA ASN A 191 22.73 -7.00 3.09
C ASN A 191 22.07 -8.34 2.80
N ILE A 192 21.06 -8.40 1.93
CA ILE A 192 20.25 -9.61 1.91
C ILE A 192 20.99 -10.84 1.33
N ALA A 193 22.05 -10.64 0.53
CA ALA A 193 22.79 -11.81 0.04
C ALA A 193 23.31 -12.67 1.19
N ALA A 194 23.69 -12.04 2.30
CA ALA A 194 24.17 -12.79 3.48
C ALA A 194 23.11 -13.72 4.04
N PHE A 195 21.83 -13.41 3.83
CA PHE A 195 20.73 -14.26 4.27
C PHE A 195 20.32 -15.29 3.21
N GLY A 196 20.97 -15.28 2.05
CA GLY A 196 20.60 -16.15 0.96
C GLY A 196 19.72 -15.52 -0.11
N GLY A 197 19.63 -14.19 -0.15
CA GLY A 197 18.81 -13.51 -1.14
C GLY A 197 19.61 -13.00 -2.32
N ASP A 198 18.92 -12.86 -3.45
CA ASP A 198 19.48 -12.26 -4.65
C ASP A 198 19.21 -10.76 -4.58
N PRO A 199 20.22 -9.91 -4.34
CA PRO A 199 19.94 -8.47 -4.22
C PRO A 199 19.57 -7.82 -5.55
N ASP A 200 19.81 -8.48 -6.67
CA ASP A 200 19.40 -7.92 -7.94
C ASP A 200 17.96 -8.23 -8.29
N ASN A 201 17.24 -8.94 -7.40
CA ASN A 201 15.89 -9.45 -7.69
C ASN A 201 14.96 -9.08 -6.53
N ILE A 202 14.85 -7.78 -6.23
CA ILE A 202 13.98 -7.31 -5.16
C ILE A 202 12.64 -6.90 -5.75
N THR A 203 11.56 -7.44 -5.19
CA THR A 203 10.19 -7.07 -5.54
C THR A 203 9.58 -6.38 -4.34
N LEU A 204 9.04 -5.19 -4.55
CA LEU A 204 8.24 -4.53 -3.52
C LEU A 204 6.77 -4.90 -3.70
N PHE A 205 6.05 -5.06 -2.59
CA PHE A 205 4.60 -5.20 -2.70
C PHE A 205 3.94 -4.59 -1.47
N GLY A 206 2.70 -4.15 -1.63
CA GLY A 206 2.06 -3.42 -0.54
C GLY A 206 0.61 -3.14 -0.88
N GLU A 207 -0.16 -2.81 0.16
CA GLU A 207 -1.59 -2.64 -0.03
C GLU A 207 -2.08 -1.28 0.48
N SVX A 208 -3.01 -0.69 -0.27
CA SVX A 208 -3.61 0.62 0.07
C SVX A 208 -2.50 1.67 0.10
CB SVX A 208 -4.37 0.61 1.39
O SVX A 208 -1.81 1.91 -0.88
OG SVX A 208 -5.32 1.66 1.33
P1 SVX A 208 -5.51 2.39 2.77
C4 SVX A 208 -6.66 1.56 3.57
C2 SVX A 208 -7.36 4.01 1.65
O6 SVX A 208 -4.23 2.63 3.44
O5 SVX A 208 -6.12 3.81 2.28
C1 SVX A 208 -7.55 5.51 1.54
N ALA A 209 -2.33 2.33 1.24
CA ALA A 209 -1.21 3.28 1.39
C ALA A 209 0.13 2.61 1.09
N GLY A 210 0.25 1.32 1.40
CA GLY A 210 1.45 0.59 1.07
C GLY A 210 1.58 0.32 -0.42
N GLY A 211 0.44 0.18 -1.12
CA GLY A 211 0.50 0.07 -2.57
C GLY A 211 0.84 1.39 -3.23
N ALA A 212 0.34 2.48 -2.68
CA ALA A 212 0.75 3.80 -3.17
C ALA A 212 2.22 4.06 -2.85
N SER A 213 2.68 3.63 -1.68
CA SER A 213 4.08 3.75 -1.33
C SER A 213 4.96 2.97 -2.31
N VAL A 214 4.57 1.72 -2.59
CA VAL A 214 5.28 0.91 -3.59
C VAL A 214 5.42 1.70 -4.88
N SER A 215 4.30 2.25 -5.36
CA SER A 215 4.27 3.05 -6.58
C SER A 215 5.23 4.24 -6.48
N LEU A 216 5.16 5.01 -5.39
CA LEU A 216 6.05 6.16 -5.22
C LEU A 216 7.51 5.74 -5.17
N GLN A 217 7.81 4.59 -4.56
CA GLN A 217 9.20 4.14 -4.53
C GLN A 217 9.69 3.82 -5.94
N THR A 218 8.84 3.23 -6.79
CA THR A 218 9.29 2.92 -8.15
C THR A 218 9.49 4.19 -8.97
N LEU A 219 8.77 5.26 -8.64
CA LEU A 219 8.87 6.51 -9.38
C LEU A 219 9.98 7.44 -8.87
N SER A 220 10.54 7.18 -7.69
CA SER A 220 11.53 8.10 -7.14
C SER A 220 12.92 7.83 -7.70
N PRO A 221 13.64 8.86 -8.13
CA PRO A 221 15.03 8.64 -8.57
C PRO A 221 15.92 8.13 -7.46
N TYR A 222 15.50 8.23 -6.20
CA TYR A 222 16.29 7.69 -5.10
C TYR A 222 16.54 6.19 -5.25
N ASN A 223 15.62 5.48 -5.90
CA ASN A 223 15.68 4.02 -5.95
C ASN A 223 16.26 3.52 -7.25
N LYS A 224 16.92 4.39 -8.01
CA LYS A 224 17.62 3.96 -9.21
C LYS A 224 18.51 2.76 -8.90
N GLY A 225 18.29 1.66 -9.64
CA GLY A 225 19.10 0.48 -9.51
C GLY A 225 18.81 -0.40 -8.31
N LEU A 226 17.80 -0.08 -7.50
CA LEU A 226 17.54 -0.86 -6.29
C LEU A 226 16.40 -1.86 -6.43
N ILE A 227 15.42 -1.56 -7.27
CA ILE A 227 14.17 -2.31 -7.34
C ILE A 227 14.07 -3.04 -8.67
N ARG A 228 13.74 -4.33 -8.62
CA ARG A 228 13.56 -5.09 -9.85
C ARG A 228 12.10 -5.13 -10.29
N ARG A 229 11.18 -5.31 -9.34
CA ARG A 229 9.75 -5.49 -9.67
C ARG A 229 8.92 -4.89 -8.54
N ALA A 230 7.63 -4.74 -8.82
CA ALA A 230 6.75 -4.10 -7.82
C ALA A 230 5.32 -4.55 -8.03
N ILE A 231 4.55 -4.59 -6.92
CA ILE A 231 3.14 -4.95 -6.94
C ILE A 231 2.38 -3.90 -6.14
N SER A 232 1.47 -3.17 -6.79
CA SER A 232 0.59 -2.23 -6.09
C SER A 232 -0.77 -2.89 -5.91
N GLN A 233 -1.16 -3.11 -4.64
CA GLN A 233 -2.47 -3.68 -4.31
C GLN A 233 -3.38 -2.57 -3.78
N SER A 234 -4.46 -2.26 -4.53
CA SER A 234 -5.46 -1.28 -4.09
C SER A 234 -4.83 0.07 -3.69
N GLY A 235 -3.93 0.55 -4.53
CA GLY A 235 -3.38 1.89 -4.35
C GLY A 235 -2.16 2.15 -5.20
N VAL A 236 -2.13 3.32 -5.86
CA VAL A 236 -1.02 3.74 -6.72
C VAL A 236 -0.74 5.21 -6.41
N ALA A 237 0.40 5.71 -6.90
CA ALA A 237 0.79 7.10 -6.62
C ALA A 237 -0.20 8.11 -7.16
N LEU A 238 -1.06 7.69 -8.09
CA LEU A 238 -2.01 8.57 -8.76
C LEU A 238 -3.35 8.65 -8.02
N SER A 239 -3.56 7.85 -6.99
CA SER A 239 -4.82 7.94 -6.25
C SER A 239 -4.93 9.32 -5.61
N PRO A 240 -6.14 9.85 -5.49
CA PRO A 240 -6.30 11.24 -5.00
C PRO A 240 -5.99 11.42 -3.53
N TRP A 241 -5.94 10.35 -2.75
CA TRP A 241 -5.64 10.46 -1.33
C TRP A 241 -4.14 10.38 -1.03
N VAL A 242 -3.28 10.41 -2.04
CA VAL A 242 -1.84 10.14 -1.88
C VAL A 242 -1.01 11.41 -1.77
N ILE A 243 -1.19 12.36 -2.67
CA ILE A 243 -0.38 13.58 -2.66
C ILE A 243 -1.18 14.70 -2.01
N GLN A 244 -0.61 15.30 -0.96
CA GLN A 244 -1.20 16.46 -0.30
C GLN A 244 -0.82 17.72 -1.07
N LYS A 245 -1.81 18.40 -1.64
CA LYS A 245 -1.54 19.60 -2.41
C LYS A 245 -1.40 20.85 -1.56
N ASN A 246 -1.89 20.84 -0.32
CA ASN A 246 -1.85 22.02 0.55
C ASN A 246 -1.25 21.68 1.91
N PRO A 247 0.02 21.27 1.96
CA PRO A 247 0.59 20.84 3.26
C PRO A 247 0.70 21.96 4.28
N LEU A 248 1.09 23.17 3.85
CA LEU A 248 1.23 24.28 4.79
C LEU A 248 -0.05 24.51 5.58
N PHE A 249 -1.22 24.28 4.96
CA PHE A 249 -2.48 24.42 5.67
C PHE A 249 -2.57 23.43 6.83
N TRP A 250 -2.15 22.18 6.60
CA TRP A 250 -2.23 21.18 7.67
C TRP A 250 -1.15 21.38 8.71
N ALA A 251 0.04 21.87 8.31
CA ALA A 251 1.06 22.18 9.29
C ALA A 251 0.60 23.30 10.23
N LYS A 252 -0.07 24.32 9.67
CA LYS A 252 -0.58 25.42 10.48
C LYS A 252 -1.65 24.95 11.45
N LYS A 253 -2.54 24.07 10.99
CA LYS A 253 -3.54 23.49 11.88
C LYS A 253 -2.88 22.80 13.07
N VAL A 254 -1.78 22.08 12.83
CA VAL A 254 -1.08 21.42 13.93
C VAL A 254 -0.40 22.45 14.82
N ALA A 255 0.26 23.43 14.22
CA ALA A 255 0.93 24.49 14.99
C ALA A 255 -0.04 25.18 15.95
N GLU A 256 -1.22 25.55 15.46
CA GLU A 256 -2.19 26.22 16.31
C GLU A 256 -2.61 25.34 17.48
N LYS A 257 -2.83 24.06 17.23
CA LYS A 257 -3.27 23.17 18.29
C LYS A 257 -2.18 22.97 19.34
N VAL A 258 -0.91 22.99 18.96
CA VAL A 258 0.16 22.73 19.92
C VAL A 258 0.81 24.00 20.44
N GLY A 259 0.38 25.18 19.98
CA GLY A 259 0.88 26.42 20.52
C GLY A 259 2.08 27.02 19.80
N CYS A 260 2.31 26.64 18.55
CA CYS A 260 3.39 27.24 17.77
C CYS A 260 2.88 28.41 16.94
N PRO A 261 3.68 29.46 16.76
CA PRO A 261 3.22 30.59 15.93
C PRO A 261 3.17 30.19 14.46
N VAL A 262 2.27 30.86 13.72
CA VAL A 262 1.96 30.48 12.35
C VAL A 262 2.30 31.58 11.36
N GLY A 263 2.94 32.65 11.79
CA GLY A 263 3.21 33.76 10.89
C GLY A 263 4.39 33.55 9.96
N ASP A 264 5.45 32.91 10.47
CA ASP A 264 6.67 32.65 9.71
C ASP A 264 6.83 31.15 9.57
N ALA A 265 7.07 30.69 8.33
CA ALA A 265 7.18 29.25 8.10
C ALA A 265 8.41 28.66 8.79
N ALA A 266 9.54 29.39 8.73
CA ALA A 266 10.76 28.88 9.36
C ALA A 266 10.63 28.82 10.88
N ARG A 267 10.03 29.85 11.49
CA ARG A 267 9.84 29.83 12.93
C ARG A 267 8.85 28.74 13.33
N MET A 268 7.78 28.57 12.55
CA MET A 268 6.81 27.51 12.83
C MET A 268 7.46 26.14 12.74
N ALA A 269 8.28 25.91 11.71
CA ALA A 269 8.89 24.61 11.50
C ALA A 269 9.81 24.24 12.66
N GLN A 270 10.63 25.18 13.12
CA GLN A 270 11.52 24.86 14.23
C GLN A 270 10.73 24.60 15.51
N CYS A 271 9.65 25.36 15.73
CA CYS A 271 8.80 25.09 16.89
C CYS A 271 8.17 23.71 16.81
N LEU A 272 7.74 23.28 15.61
CA LEU A 272 7.13 21.96 15.50
C LEU A 272 8.17 20.89 15.82
N LYS A 273 9.41 21.10 15.38
CA LYS A 273 10.46 20.10 15.59
C LYS A 273 10.78 19.89 17.06
N VAL A 274 10.50 20.86 17.94
CA VAL A 274 10.78 20.71 19.36
C VAL A 274 9.49 20.61 20.17
N THR A 275 8.37 20.28 19.53
CA THR A 275 7.13 19.99 20.24
C THR A 275 7.11 18.51 20.62
N ASP A 276 6.55 18.20 21.82
CA ASP A 276 6.31 16.82 22.24
C ASP A 276 5.73 16.02 21.07
N PRO A 277 6.41 14.97 20.62
CA PRO A 277 5.91 14.22 19.45
C PRO A 277 4.54 13.59 19.66
N ARG A 278 4.15 13.30 20.91
CA ARG A 278 2.79 12.83 21.15
C ARG A 278 1.76 13.93 20.91
N ALA A 279 2.10 15.17 21.26
CA ALA A 279 1.19 16.29 20.97
C ALA A 279 1.05 16.51 19.47
N LEU A 280 2.16 16.42 18.73
CA LEU A 280 2.07 16.50 17.26
C LEU A 280 1.15 15.42 16.72
N THR A 281 1.31 14.19 17.22
CA THR A 281 0.56 13.06 16.72
C THR A 281 -0.94 13.20 16.99
N LEU A 282 -1.31 13.67 18.18
CA LEU A 282 -2.73 13.78 18.52
C LEU A 282 -3.32 15.14 18.17
N ALA A 283 -2.55 16.03 17.54
CA ALA A 283 -3.01 17.40 17.31
C ALA A 283 -4.33 17.43 16.54
N TYR A 284 -4.44 16.61 15.50
CA TYR A 284 -5.64 16.58 14.67
C TYR A 284 -6.27 15.20 14.71
N LYS A 285 -7.59 15.16 14.85
CA LYS A 285 -8.36 13.93 14.78
C LYS A 285 -9.38 14.08 13.65
N VAL A 286 -9.44 13.07 12.77
CA VAL A 286 -10.44 13.07 11.72
C VAL A 286 -11.81 12.82 12.35
N PRO A 287 -12.75 13.74 12.25
CA PRO A 287 -14.06 13.52 12.88
C PRO A 287 -14.72 12.27 12.32
N LEU A 288 -15.38 11.51 13.21
CA LEU A 288 -16.05 10.29 12.79
C LEU A 288 -17.24 10.61 11.91
N ALA A 289 -18.16 11.43 12.42
CA ALA A 289 -19.39 11.80 11.75
C ALA A 289 -20.08 12.85 12.63
N GLY A 290 -20.79 13.77 11.98
CA GLY A 290 -20.82 13.86 10.54
C GLY A 290 -19.77 14.82 10.06
N LEU A 291 -19.37 14.67 8.80
CA LEU A 291 -18.35 15.51 8.20
C LEU A 291 -18.99 16.50 7.23
N GLU A 292 -18.34 17.66 7.08
CA GLU A 292 -18.82 18.64 6.11
C GLU A 292 -18.46 18.24 4.68
N TYR A 293 -17.33 17.55 4.50
CA TYR A 293 -16.85 17.15 3.19
C TYR A 293 -16.72 15.64 3.14
N PRO A 294 -16.49 15.04 1.97
CA PRO A 294 -16.25 13.60 1.92
C PRO A 294 -14.93 13.26 2.61
N MET A 295 -14.85 11.98 3.04
CA MET A 295 -13.69 11.49 3.77
C MET A 295 -12.38 11.88 3.09
N LEU A 296 -12.34 11.81 1.75
CA LEU A 296 -11.14 12.15 0.98
C LEU A 296 -10.58 13.51 1.36
N HIS A 297 -11.45 14.43 1.78
CA HIS A 297 -11.03 15.79 2.12
C HIS A 297 -10.14 15.83 3.35
N TYR A 298 -10.33 14.90 4.29
CA TYR A 298 -9.62 14.92 5.56
C TYR A 298 -8.37 14.04 5.54
N VAL A 299 -8.01 13.50 4.37
CA VAL A 299 -6.70 12.89 4.18
C VAL A 299 -5.66 14.00 4.31
N GLY A 300 -4.90 13.96 5.38
CA GLY A 300 -4.08 15.11 5.70
C GLY A 300 -2.59 14.88 5.54
N PHE A 301 -2.02 14.09 6.43
CA PHE A 301 -0.56 13.96 6.53
C PHE A 301 -0.15 12.78 5.65
N VAL A 302 0.05 13.09 4.37
CA VAL A 302 0.39 12.10 3.35
C VAL A 302 1.56 12.65 2.53
N PRO A 303 2.12 11.87 1.59
CA PRO A 303 3.26 12.37 0.82
C PRO A 303 2.96 13.69 0.11
N VAL A 304 4.04 14.41 -0.21
CA VAL A 304 3.99 15.68 -0.93
C VAL A 304 4.97 15.63 -2.09
N ILE A 305 4.73 16.48 -3.08
CA ILE A 305 5.73 16.72 -4.12
C ILE A 305 6.76 17.68 -3.52
N ASP A 306 7.95 17.19 -3.22
CA ASP A 306 8.95 18.00 -2.54
C ASP A 306 10.05 18.51 -3.46
N GLY A 307 10.02 18.15 -4.74
CA GLY A 307 11.12 18.49 -5.61
C GLY A 307 12.40 17.73 -5.32
N ASP A 308 12.30 16.64 -4.57
CA ASP A 308 13.49 15.92 -4.12
C ASP A 308 13.25 14.42 -4.19
N PHE A 309 12.67 13.86 -3.13
CA PHE A 309 12.29 12.45 -3.17
C PHE A 309 11.21 12.22 -4.22
N ILE A 310 10.22 13.12 -4.26
CA ILE A 310 9.22 13.13 -5.32
CA ILE A 310 9.22 13.13 -5.32
C ILE A 310 9.47 14.40 -6.13
N PRO A 311 10.28 14.33 -7.20
CA PRO A 311 10.73 15.55 -7.88
C PRO A 311 9.63 16.28 -8.63
N ASP A 312 8.55 15.60 -8.97
CA ASP A 312 7.53 16.18 -9.83
C ASP A 312 6.24 15.43 -9.53
N ASP A 313 5.14 15.95 -10.07
CA ASP A 313 3.90 15.23 -9.99
C ASP A 313 4.11 13.78 -10.46
N PRO A 314 3.68 12.79 -9.69
CA PRO A 314 3.97 11.38 -10.05
C PRO A 314 3.58 10.99 -11.47
N ILE A 315 2.51 11.57 -12.03
CA ILE A 315 2.14 11.24 -13.40
C ILE A 315 3.28 11.47 -14.38
N ASN A 316 4.24 12.35 -14.04
CA ASN A 316 5.35 12.69 -14.92
C ASN A 316 6.63 11.89 -14.66
N LEU A 317 6.59 10.92 -13.73
CA LEU A 317 7.82 10.26 -13.28
C LEU A 317 7.98 8.85 -13.83
N TYR A 318 7.11 8.39 -14.74
CA TYR A 318 7.07 6.96 -15.02
C TYR A 318 8.27 6.45 -15.80
N ALA A 319 9.11 7.33 -16.34
CA ALA A 319 10.35 6.84 -16.97
C ALA A 319 11.24 6.11 -15.97
N ASN A 320 11.15 6.48 -14.68
CA ASN A 320 11.97 5.82 -13.66
C ASN A 320 11.61 4.35 -13.47
N ALA A 321 10.42 3.92 -13.88
CA ALA A 321 9.98 2.55 -13.71
C ALA A 321 10.04 1.76 -15.02
N ALA A 322 10.79 2.27 -16.00
CA ALA A 322 10.82 1.68 -17.34
C ALA A 322 11.32 0.24 -17.34
N ASP A 323 12.14 -0.14 -16.36
CA ASP A 323 12.66 -1.49 -16.27
C ASP A 323 12.28 -2.16 -14.96
N ILE A 324 11.16 -1.75 -14.37
CA ILE A 324 10.63 -2.37 -13.17
C ILE A 324 9.36 -3.11 -13.58
N ASP A 325 9.40 -4.45 -13.56
CA ASP A 325 8.16 -5.18 -13.85
C ASP A 325 7.10 -4.78 -12.82
N TYR A 326 5.83 -4.78 -13.25
CA TYR A 326 4.82 -4.17 -12.38
C TYR A 326 3.47 -4.87 -12.49
N ILE A 327 2.92 -5.23 -11.33
CA ILE A 327 1.54 -5.68 -11.19
C ILE A 327 0.79 -4.57 -10.47
N ALA A 328 -0.42 -4.26 -10.93
CA ALA A 328 -1.28 -3.37 -10.13
C ALA A 328 -2.71 -3.85 -10.24
N GLY A 329 -3.44 -3.76 -9.15
CA GLY A 329 -4.82 -4.21 -9.21
C GLY A 329 -5.58 -3.59 -8.07
N THR A 330 -6.84 -3.98 -7.98
CA THR A 330 -7.78 -3.44 -7.00
C THR A 330 -8.73 -4.54 -6.57
N ASN A 331 -9.47 -4.24 -5.52
CA ASN A 331 -10.54 -5.11 -5.02
CA ASN A 331 -10.54 -5.11 -5.02
C ASN A 331 -11.87 -4.58 -5.51
N ASN A 332 -12.80 -5.50 -5.78
CA ASN A 332 -14.08 -5.13 -6.37
C ASN A 332 -14.78 -4.04 -5.54
N MET A 333 -14.70 -4.12 -4.23
CA MET A 333 -15.43 -3.21 -3.35
C MET A 333 -14.51 -2.28 -2.59
N ASP A 334 -13.38 -1.89 -3.19
CA ASP A 334 -12.37 -1.13 -2.46
C ASP A 334 -12.92 0.16 -1.85
N GLY A 335 -13.87 0.81 -2.51
CA GLY A 335 -14.26 2.09 -1.97
C GLY A 335 -15.28 2.04 -0.86
N HIS A 336 -15.64 0.85 -0.38
CA HIS A 336 -16.79 0.73 0.52
C HIS A 336 -16.52 1.35 1.89
N ILE A 337 -15.26 1.41 2.31
CA ILE A 337 -14.95 2.05 3.60
C ILE A 337 -15.24 3.53 3.52
N PHE A 338 -14.65 4.23 2.54
CA PHE A 338 -14.93 5.66 2.39
C PHE A 338 -16.39 5.90 2.04
N ALA A 339 -17.01 5.01 1.27
CA ALA A 339 -18.42 5.16 0.94
C ALA A 339 -19.29 5.06 2.19
N SER A 340 -18.93 4.17 3.11
CA SER A 340 -19.73 3.97 4.30
C SER A 340 -19.67 5.19 5.22
N ILE A 341 -18.52 5.86 5.27
CA ILE A 341 -18.41 7.11 6.01
C ILE A 341 -19.21 8.21 5.31
N ASP A 342 -19.10 8.29 3.98
CA ASP A 342 -19.73 9.39 3.25
C ASP A 342 -21.24 9.23 3.14
N MET A 343 -21.75 8.01 3.21
CA MET A 343 -23.19 7.75 3.09
C MET A 343 -23.56 6.58 3.97
N PRO A 344 -23.71 6.82 5.28
CA PRO A 344 -23.93 5.70 6.21
C PRO A 344 -25.13 4.85 5.88
N ALA A 345 -26.07 5.37 5.09
CA ALA A 345 -27.26 4.60 4.73
C ALA A 345 -26.92 3.29 4.02
N ILE A 346 -25.74 3.18 3.41
CA ILE A 346 -25.41 1.94 2.70
C ILE A 346 -25.20 0.77 3.66
N ASN A 347 -25.04 1.03 4.95
CA ASN A 347 -24.94 -0.06 5.92
C ASN A 347 -26.32 -0.53 6.37
N LYS A 348 -27.14 0.38 6.91
CA LYS A 348 -28.44 0.01 7.46
C LYS A 348 -29.40 -0.41 6.34
N GLY A 349 -29.91 -1.64 6.42
CA GLY A 349 -30.80 -2.16 5.40
C GLY A 349 -32.14 -1.47 5.32
N ASN A 350 -32.59 -0.85 6.41
CA ASN A 350 -33.83 -0.08 6.44
C ASN A 350 -33.49 1.41 6.55
N LYS A 351 -32.84 1.91 5.51
CA LYS A 351 -32.52 3.33 5.35
C LYS A 351 -32.16 3.53 3.88
N LYS A 352 -32.78 4.52 3.25
CA LYS A 352 -32.69 4.66 1.79
C LYS A 352 -31.56 5.60 1.39
N VAL A 353 -30.88 5.24 0.31
CA VAL A 353 -30.09 6.21 -0.44
C VAL A 353 -30.99 6.80 -1.53
N THR A 354 -30.98 8.13 -1.65
CA THR A 354 -31.82 8.81 -2.62
C THR A 354 -30.97 9.48 -3.69
N GLU A 355 -31.62 9.83 -4.79
CA GLU A 355 -31.00 10.63 -5.83
C GLU A 355 -30.41 11.91 -5.24
N GLU A 356 -31.13 12.52 -4.30
CA GLU A 356 -30.65 13.77 -3.72
C GLU A 356 -29.39 13.54 -2.87
N ASP A 357 -29.35 12.44 -2.10
CA ASP A 357 -28.14 12.13 -1.33
C ASP A 357 -26.95 11.92 -2.26
N PHE A 358 -27.16 11.18 -3.35
CA PHE A 358 -26.05 10.86 -4.24
C PHE A 358 -25.59 12.08 -5.03
N TYR A 359 -26.53 12.91 -5.48
N TYR A 359 -26.54 12.92 -5.47
CA TYR A 359 -26.13 14.16 -6.13
CA TYR A 359 -26.19 14.17 -6.13
C TYR A 359 -25.24 14.96 -5.21
C TYR A 359 -25.34 15.06 -5.24
N LYS A 360 -25.62 15.07 -3.94
CA LYS A 360 -24.82 15.85 -2.99
C LYS A 360 -23.40 15.32 -2.92
N LEU A 361 -23.25 14.01 -2.74
CA LEU A 361 -21.92 13.41 -2.67
C LEU A 361 -21.14 13.65 -3.94
N VAL A 362 -21.76 13.40 -5.09
CA VAL A 362 -21.09 13.58 -6.38
C VAL A 362 -20.64 15.03 -6.56
N SER A 363 -21.50 15.98 -6.18
CA SER A 363 -21.14 17.39 -6.34
C SER A 363 -19.92 17.76 -5.50
N GLU A 364 -19.75 17.13 -4.33
CA GLU A 364 -18.57 17.41 -3.52
C GLU A 364 -17.29 17.00 -4.23
N PHE A 365 -17.33 15.89 -4.96
CA PHE A 365 -16.16 15.40 -5.68
C PHE A 365 -15.86 16.17 -6.95
N THR A 366 -16.84 16.90 -7.50
CA THR A 366 -16.69 17.50 -8.82
C THR A 366 -16.67 19.02 -8.76
N ILE A 367 -16.39 19.61 -7.60
CA ILE A 367 -16.55 21.05 -7.40
C ILE A 367 -15.79 21.86 -8.46
N THR A 368 -14.63 21.37 -8.91
CA THR A 368 -13.84 22.21 -9.82
C THR A 368 -14.47 22.33 -11.20
N LYS A 369 -15.38 21.43 -11.57
CA LYS A 369 -16.10 21.56 -12.83
C LYS A 369 -17.56 21.98 -12.63
N GLY A 370 -17.91 22.48 -11.45
CA GLY A 370 -19.17 23.17 -11.20
C GLY A 370 -20.43 22.31 -11.37
N LEU A 371 -21.54 23.01 -11.61
CA LEU A 371 -22.83 22.37 -11.78
C LEU A 371 -22.82 21.37 -12.91
N ARG A 372 -22.18 21.72 -14.03
CA ARG A 372 -22.17 20.83 -15.18
C ARG A 372 -21.44 19.53 -14.86
N GLY A 373 -20.28 19.62 -14.19
CA GLY A 373 -19.56 18.41 -13.83
C GLY A 373 -20.29 17.53 -12.84
N ALA A 374 -21.04 18.14 -11.91
CA ALA A 374 -21.86 17.36 -11.00
C ALA A 374 -22.93 16.59 -11.77
N LYS A 375 -23.59 17.26 -12.71
CA LYS A 375 -24.70 16.63 -13.43
C LYS A 375 -24.21 15.51 -14.35
N THR A 376 -23.14 15.75 -15.11
CA THR A 376 -22.70 14.71 -16.03
C THR A 376 -22.28 13.47 -15.27
N THR A 377 -21.68 13.65 -14.09
CA THR A 377 -21.25 12.52 -13.27
C THR A 377 -22.44 11.80 -12.65
N PHE A 378 -23.35 12.57 -12.05
CA PHE A 378 -24.60 12.02 -11.55
C PHE A 378 -25.33 11.23 -12.62
N ASP A 379 -25.49 11.82 -13.81
CA ASP A 379 -26.23 11.17 -14.87
C ASP A 379 -25.60 9.84 -15.29
N VAL A 380 -24.27 9.80 -15.39
CA VAL A 380 -23.67 8.57 -15.90
CA VAL A 380 -23.59 8.59 -15.87
C VAL A 380 -23.75 7.46 -14.85
N TYR A 381 -23.61 7.79 -13.57
CA TYR A 381 -23.67 6.76 -12.53
C TYR A 381 -25.09 6.31 -12.21
N THR A 382 -26.13 7.12 -12.48
CA THR A 382 -27.50 6.75 -12.18
C THR A 382 -28.27 6.28 -13.42
N GLU A 383 -27.59 6.12 -14.57
CA GLU A 383 -28.27 5.68 -15.79
C GLU A 383 -29.03 4.37 -15.56
N SER A 384 -28.50 3.47 -14.74
CA SER A 384 -29.15 2.20 -14.50
C SER A 384 -30.28 2.27 -13.50
N TRP A 385 -30.46 3.40 -12.81
CA TRP A 385 -31.48 3.48 -11.75
C TRP A 385 -32.90 3.52 -12.30
N ALA A 386 -33.07 3.87 -13.58
CA ALA A 386 -34.41 3.88 -14.16
C ALA A 386 -34.99 2.48 -14.22
N GLN A 387 -34.24 1.54 -14.81
CA GLN A 387 -34.70 0.16 -14.90
C GLN A 387 -34.59 -0.58 -13.57
N ASP A 388 -33.63 -0.22 -12.72
CA ASP A 388 -33.43 -0.90 -11.45
C ASP A 388 -33.30 0.15 -10.35
N PRO A 389 -34.43 0.62 -9.81
CA PRO A 389 -34.40 1.61 -8.74
C PRO A 389 -34.27 1.03 -7.34
N SER A 390 -33.95 -0.26 -7.21
CA SER A 390 -33.86 -0.87 -5.90
C SER A 390 -32.73 -0.24 -5.09
N GLN A 391 -32.84 -0.40 -3.76
CA GLN A 391 -31.79 0.10 -2.88
C GLN A 391 -30.50 -0.69 -3.05
N GLU A 392 -30.59 -1.95 -3.48
CA GLU A 392 -29.38 -2.73 -3.71
C GLU A 392 -28.56 -2.13 -4.83
N ASN A 393 -29.22 -1.76 -5.93
CA ASN A 393 -28.52 -1.16 -7.05
C ASN A 393 -28.01 0.24 -6.70
N LYS A 394 -28.84 1.03 -5.99
CA LYS A 394 -28.42 2.38 -5.63
C LYS A 394 -27.23 2.36 -4.66
N LYS A 395 -27.24 1.50 -3.65
CA LYS A 395 -26.13 1.45 -2.72
C LYS A 395 -24.87 0.89 -3.39
N LYS A 396 -25.04 -0.04 -4.32
CA LYS A 396 -23.90 -0.52 -5.10
C LYS A 396 -23.30 0.61 -5.92
N THR A 397 -24.17 1.49 -6.44
CA THR A 397 -23.68 2.62 -7.24
C THR A 397 -22.79 3.54 -6.43
N VAL A 398 -23.17 3.80 -5.17
CA VAL A 398 -22.34 4.67 -4.32
C VAL A 398 -20.97 4.05 -4.11
N VAL A 399 -20.94 2.74 -3.84
CA VAL A 399 -19.65 2.06 -3.64
C VAL A 399 -18.82 2.06 -4.92
N ASP A 400 -19.45 1.79 -6.06
CA ASP A 400 -18.72 1.77 -7.33
C ASP A 400 -18.14 3.14 -7.64
N PHE A 401 -18.89 4.20 -7.33
CA PHE A 401 -18.41 5.57 -7.52
C PHE A 401 -17.15 5.83 -6.71
N GLU A 402 -17.20 5.53 -5.41
CA GLU A 402 -16.00 5.74 -4.58
C GLU A 402 -14.85 4.83 -5.01
N THR A 403 -15.15 3.57 -5.34
CA THR A 403 -14.12 2.67 -5.85
C THR A 403 -13.46 3.23 -7.12
N ASP A 404 -14.27 3.66 -8.08
CA ASP A 404 -13.74 4.26 -9.31
C ASP A 404 -12.81 5.43 -9.01
N VAL A 405 -13.26 6.40 -8.21
CA VAL A 405 -12.46 7.62 -8.17
C VAL A 405 -11.27 7.46 -7.25
N LEU A 406 -11.37 6.61 -6.21
CA LEU A 406 -10.31 6.48 -5.22
C LEU A 406 -9.26 5.43 -5.62
N PHE A 407 -9.66 4.39 -6.36
CA PHE A 407 -8.81 3.22 -6.56
C PHE A 407 -8.72 2.78 -8.01
N LEU A 408 -9.86 2.53 -8.66
CA LEU A 408 -9.84 1.85 -9.97
C LEU A 408 -9.32 2.76 -11.08
N VAL A 409 -9.89 3.96 -11.23
CA VAL A 409 -9.43 4.86 -12.28
C VAL A 409 -7.96 5.24 -12.10
N PRO A 410 -7.50 5.65 -10.91
CA PRO A 410 -6.05 5.86 -10.75
C PRO A 410 -5.22 4.64 -11.08
N THR A 411 -5.70 3.44 -10.74
CA THR A 411 -4.91 2.24 -11.04
C THR A 411 -4.85 2.03 -12.56
N GLU A 412 -5.95 2.26 -13.25
CA GLU A 412 -5.93 2.08 -14.70
C GLU A 412 -5.04 3.10 -15.38
N ILE A 413 -5.01 4.34 -14.89
CA ILE A 413 -4.10 5.33 -15.47
C ILE A 413 -2.65 4.95 -15.22
N ALA A 414 -2.36 4.43 -14.03
CA ALA A 414 -0.98 4.04 -13.71
C ALA A 414 -0.54 2.87 -14.58
N LEU A 415 -1.41 1.89 -14.80
CA LEU A 415 -1.10 0.78 -15.70
C LEU A 415 -0.76 1.27 -17.11
N ALA A 416 -1.55 2.23 -17.61
CA ALA A 416 -1.32 2.76 -18.95
C ALA A 416 -0.05 3.58 -19.01
N GLN A 417 0.23 4.36 -17.96
CA GLN A 417 1.48 5.10 -17.89
C GLN A 417 2.69 4.18 -17.78
N HIS A 418 2.58 3.12 -16.97
CA HIS A 418 3.70 2.17 -16.87
C HIS A 418 3.92 1.46 -18.20
N ARG A 419 2.84 1.09 -18.89
CA ARG A 419 3.00 0.39 -20.15
C ARG A 419 3.64 1.29 -21.20
N ALA A 420 3.20 2.54 -21.26
CA ALA A 420 3.70 3.51 -22.24
C ALA A 420 5.16 3.86 -22.02
N ASN A 421 5.68 3.72 -20.81
CA ASN A 421 7.07 4.03 -20.55
C ASN A 421 7.95 2.79 -20.49
N ALA A 422 7.37 1.62 -20.67
CA ALA A 422 8.12 0.38 -20.49
C ALA A 422 9.22 0.24 -21.52
N LYS A 423 10.40 -0.14 -21.05
CA LYS A 423 11.46 -0.65 -21.92
C LYS A 423 11.49 -2.16 -21.78
N SER A 424 12.22 -2.70 -20.80
CA SER A 424 12.13 -4.13 -20.55
C SER A 424 10.95 -4.52 -19.65
N ALA A 425 10.29 -3.56 -19.01
CA ALA A 425 9.33 -3.90 -17.97
C ALA A 425 8.10 -4.58 -18.56
N LYS A 426 7.61 -5.60 -17.86
CA LYS A 426 6.30 -6.17 -18.11
C LYS A 426 5.28 -5.51 -17.18
N THR A 427 4.03 -5.47 -17.63
CA THR A 427 2.92 -4.85 -16.90
C THR A 427 1.77 -5.86 -16.77
N TYR A 428 1.15 -5.93 -15.59
CA TYR A 428 0.04 -6.85 -15.36
C TYR A 428 -1.03 -6.16 -14.52
N ALA A 429 -2.29 -6.55 -14.75
CA ALA A 429 -3.44 -5.98 -14.07
C ALA A 429 -4.31 -7.08 -13.48
N TYR A 430 -4.92 -6.82 -12.32
CA TYR A 430 -5.83 -7.78 -11.73
C TYR A 430 -7.01 -7.09 -11.05
N LEU A 431 -8.09 -7.86 -10.90
CA LEU A 431 -9.24 -7.47 -10.09
C LEU A 431 -9.52 -8.63 -9.15
N PHE A 432 -9.45 -8.37 -7.83
CA PHE A 432 -9.72 -9.40 -6.83
C PHE A 432 -11.19 -9.30 -6.44
N SER A 433 -11.94 -10.39 -6.59
CA SER A 433 -13.37 -10.43 -6.30
CA SER A 433 -13.37 -10.43 -6.29
C SER A 433 -13.64 -11.53 -5.27
N HIS A 434 -14.05 -11.15 -4.07
CA HIS A 434 -14.43 -12.08 -3.02
C HIS A 434 -15.26 -11.33 -2.00
N PRO A 435 -16.20 -11.99 -1.31
CA PRO A 435 -16.63 -13.39 -1.49
C PRO A 435 -17.27 -13.61 -2.86
N ALA A 447 -11.60 -6.40 10.57
CA ALA A 447 -11.32 -6.48 9.13
C ALA A 447 -12.55 -7.00 8.37
N ASP A 448 -12.45 -7.05 7.05
CA ASP A 448 -13.53 -7.62 6.23
C ASP A 448 -13.00 -8.79 5.39
N HIS A 449 -13.91 -9.72 5.10
CA HIS A 449 -13.54 -10.95 4.40
C HIS A 449 -13.23 -10.73 2.94
N ALA A 450 -13.65 -9.60 2.36
CA ALA A 450 -13.47 -9.30 0.96
C ALA A 450 -12.06 -8.83 0.62
N ASP A 451 -11.20 -8.66 1.61
CA ASP A 451 -9.92 -7.99 1.41
C ASP A 451 -8.80 -8.95 1.03
N ASP A 452 -7.92 -8.46 0.16
CA ASP A 452 -6.92 -9.29 -0.50
C ASP A 452 -5.76 -9.70 0.40
N ILE A 453 -5.44 -8.92 1.45
CA ILE A 453 -4.19 -9.15 2.19
C ILE A 453 -4.13 -10.54 2.74
N GLN A 454 -5.23 -10.99 3.36
CA GLN A 454 -5.20 -12.25 4.09
C GLN A 454 -4.93 -13.43 3.16
N TYR A 455 -5.33 -13.32 1.90
CA TYR A 455 -5.07 -14.39 0.94
C TYR A 455 -3.64 -14.32 0.41
N VAL A 456 -3.16 -13.11 0.10
CA VAL A 456 -1.77 -12.92 -0.29
C VAL A 456 -0.82 -13.47 0.79
N PHE A 457 -1.13 -13.20 2.06
CA PHE A 457 -0.20 -13.63 3.10
C PHE A 457 -0.46 -15.07 3.56
N GLY A 458 -1.47 -15.72 2.99
CA GLY A 458 -1.69 -17.12 3.29
C GLY A 458 -2.32 -17.40 4.63
N LYS A 459 -3.04 -16.44 5.21
CA LYS A 459 -3.70 -16.69 6.47
C LYS A 459 -4.67 -17.88 6.43
N PRO A 460 -5.37 -18.18 5.32
CA PRO A 460 -6.21 -19.39 5.31
C PRO A 460 -5.42 -20.68 5.57
N PHE A 461 -4.11 -20.68 5.36
CA PHE A 461 -3.28 -21.83 5.71
C PHE A 461 -2.66 -21.70 7.10
N ALA A 462 -2.37 -20.49 7.55
CA ALA A 462 -1.74 -20.32 8.86
C ALA A 462 -2.74 -20.48 10.00
N THR A 463 -3.97 -19.98 9.83
CA THR A 463 -5.05 -20.16 10.81
C THR A 463 -6.24 -20.78 10.08
N PRO A 464 -6.15 -22.08 9.75
CA PRO A 464 -7.15 -22.67 8.85
C PRO A 464 -8.52 -22.79 9.46
N THR A 465 -8.65 -22.74 10.79
CA THR A 465 -9.97 -22.85 11.43
C THR A 465 -10.83 -21.62 11.17
N GLY A 466 -10.23 -20.49 10.85
CA GLY A 466 -10.99 -19.31 10.51
C GLY A 466 -11.40 -19.21 9.06
N TYR A 467 -11.14 -20.24 8.25
CA TYR A 467 -11.32 -20.15 6.81
C TYR A 467 -11.89 -21.46 6.25
N ARG A 468 -12.53 -21.35 5.08
CA ARG A 468 -13.14 -22.44 4.35
C ARG A 468 -12.21 -22.95 3.26
N PRO A 469 -12.43 -24.17 2.75
CA PRO A 469 -11.57 -24.67 1.66
C PRO A 469 -11.43 -23.71 0.49
N GLN A 470 -12.51 -23.06 0.05
CA GLN A 470 -12.42 -22.16 -1.09
C GLN A 470 -11.44 -21.02 -0.83
N ASP A 471 -11.31 -20.61 0.44
CA ASP A 471 -10.36 -19.56 0.78
C ASP A 471 -8.92 -20.01 0.61
N ARG A 472 -8.63 -21.26 0.97
CA ARG A 472 -7.29 -21.76 0.75
C ARG A 472 -6.99 -21.91 -0.74
N THR A 473 -8.01 -22.23 -1.55
CA THR A 473 -7.85 -22.26 -3.00
C THR A 473 -7.45 -20.89 -3.53
N VAL A 474 -8.13 -19.84 -3.07
CA VAL A 474 -7.82 -18.49 -3.53
C VAL A 474 -6.41 -18.10 -3.12
N SER A 475 -6.11 -18.29 -1.82
CA SER A 475 -4.79 -17.94 -1.29
C SER A 475 -3.67 -18.73 -1.98
N LYS A 476 -3.90 -20.01 -2.26
CA LYS A 476 -2.87 -20.78 -2.95
C LYS A 476 -2.53 -20.15 -4.30
N ALA A 477 -3.56 -19.76 -5.05
CA ALA A 477 -3.35 -19.17 -6.37
C ALA A 477 -2.66 -17.82 -6.28
N MET A 478 -3.08 -16.97 -5.33
CA MET A 478 -2.44 -15.66 -5.24
C MET A 478 -0.97 -15.79 -4.88
N ILE A 479 -0.63 -16.68 -3.94
CA ILE A 479 0.78 -16.85 -3.56
C ILE A 479 1.57 -17.41 -4.74
N ALA A 480 0.96 -18.29 -5.53
CA ALA A 480 1.66 -18.83 -6.70
C ALA A 480 1.97 -17.72 -7.70
N TYR A 481 0.97 -16.89 -8.04
CA TYR A 481 1.19 -15.80 -8.99
C TYR A 481 2.20 -14.80 -8.46
N TRP A 482 2.01 -14.36 -7.22
CA TRP A 482 2.88 -13.34 -6.63
C TRP A 482 4.33 -13.81 -6.58
N THR A 483 4.57 -15.05 -6.14
CA THR A 483 5.95 -15.47 -5.98
C THR A 483 6.57 -15.95 -7.31
N ASN A 484 5.78 -16.47 -8.25
CA ASN A 484 6.30 -16.67 -9.61
C ASN A 484 6.77 -15.34 -10.17
N PHE A 485 5.95 -14.29 -10.02
CA PHE A 485 6.31 -12.97 -10.49
C PHE A 485 7.59 -12.46 -9.82
N ALA A 486 7.69 -12.62 -8.49
CA ALA A 486 8.92 -12.22 -7.82
C ALA A 486 10.13 -12.93 -8.45
N LYS A 487 9.97 -14.22 -8.73
CA LYS A 487 11.12 -14.98 -9.22
C LYS A 487 11.53 -14.55 -10.64
N THR A 488 10.57 -14.36 -11.53
CA THR A 488 10.85 -14.26 -12.97
C THR A 488 10.30 -13.01 -13.65
N GLY A 489 9.44 -12.23 -12.98
CA GLY A 489 8.68 -11.21 -13.66
C GLY A 489 7.51 -11.72 -14.49
N ASP A 490 7.22 -13.00 -14.41
CA ASP A 490 6.16 -13.66 -15.18
C ASP A 490 5.33 -14.45 -14.18
N PRO A 491 4.12 -13.98 -13.81
CA PRO A 491 3.33 -14.69 -12.80
C PRO A 491 3.01 -16.12 -13.17
N ASN A 492 3.10 -16.46 -14.46
CA ASN A 492 2.83 -17.82 -14.91
C ASN A 492 4.01 -18.75 -14.84
N MET A 493 5.22 -18.23 -14.59
CA MET A 493 6.45 -19.01 -14.75
C MET A 493 7.24 -18.97 -13.44
N GLY A 494 7.43 -20.14 -12.83
CA GLY A 494 8.15 -20.20 -11.57
C GLY A 494 7.99 -21.56 -10.92
N ASP A 495 8.15 -21.59 -9.61
CA ASP A 495 8.07 -22.83 -8.85
C ASP A 495 6.64 -23.35 -8.67
N SER A 496 5.62 -22.59 -9.07
CA SER A 496 4.24 -22.93 -8.74
C SER A 496 3.36 -22.93 -9.99
N ALA A 497 2.43 -23.87 -10.02
CA ALA A 497 1.40 -23.89 -11.06
C ALA A 497 0.33 -22.84 -10.78
N VAL A 498 -0.25 -22.30 -11.84
CA VAL A 498 -1.29 -21.28 -11.70
C VAL A 498 -2.56 -21.77 -12.39
N PRO A 499 -3.75 -21.32 -11.97
CA PRO A 499 -4.98 -21.80 -12.60
C PRO A 499 -5.32 -21.16 -13.93
N THR A 500 -4.86 -19.94 -14.20
CA THR A 500 -5.21 -19.18 -15.39
C THR A 500 -3.94 -18.55 -15.95
N HIS A 501 -3.76 -18.61 -17.25
CA HIS A 501 -2.63 -17.90 -17.86
C HIS A 501 -2.90 -16.40 -17.76
N TRP A 502 -2.00 -15.68 -17.07
CA TRP A 502 -2.16 -14.24 -16.84
C TRP A 502 -1.45 -13.48 -17.95
N GLU A 503 -2.22 -12.89 -18.84
CA GLU A 503 -1.62 -12.26 -20.01
C GLU A 503 -1.09 -10.87 -19.63
N PRO A 504 0.13 -10.52 -20.03
CA PRO A 504 0.63 -9.16 -19.78
C PRO A 504 -0.28 -8.09 -20.39
N TYR A 505 -0.43 -7.00 -19.64
CA TYR A 505 -1.25 -5.87 -20.03
C TYR A 505 -0.56 -5.08 -21.15
N THR A 506 -1.33 -4.78 -22.19
CA THR A 506 -0.95 -3.80 -23.20
C THR A 506 -2.12 -2.84 -23.40
N THR A 507 -1.84 -1.65 -23.94
CA THR A 507 -2.91 -0.72 -24.31
C THR A 507 -3.93 -1.39 -25.20
N GLU A 508 -3.45 -2.22 -26.13
CA GLU A 508 -4.33 -2.88 -27.10
C GLU A 508 -5.27 -3.86 -26.42
N ASN A 509 -4.74 -4.77 -25.58
CA ASN A 509 -5.63 -5.78 -25.00
C ASN A 509 -6.32 -5.30 -23.73
N SER A 510 -5.75 -4.32 -23.03
CA SER A 510 -6.21 -3.84 -21.71
C SER A 510 -6.77 -4.98 -20.85
N GLY A 511 -6.00 -6.06 -20.77
CA GLY A 511 -6.43 -7.24 -20.07
C GLY A 511 -6.13 -7.20 -18.58
N TYR A 512 -7.02 -7.81 -17.80
CA TYR A 512 -6.79 -8.01 -16.37
C TYR A 512 -7.22 -9.43 -16.01
N LEU A 513 -6.54 -9.98 -15.01
CA LEU A 513 -6.92 -11.26 -14.44
C LEU A 513 -7.96 -11.01 -13.35
N GLU A 514 -9.12 -11.67 -13.45
CA GLU A 514 -10.11 -11.60 -12.38
C GLU A 514 -9.84 -12.76 -11.42
N ILE A 515 -9.42 -12.44 -10.20
CA ILE A 515 -9.04 -13.45 -9.23
C ILE A 515 -10.26 -13.78 -8.37
N THR A 516 -10.73 -15.03 -8.46
CA THR A 516 -11.90 -15.48 -7.70
C THR A 516 -11.61 -16.90 -7.21
N LYS A 517 -12.63 -17.52 -6.59
CA LYS A 517 -12.49 -18.84 -5.99
C LYS A 517 -12.47 -19.97 -7.00
N LYS A 518 -12.96 -19.73 -8.21
CA LYS A 518 -12.86 -20.71 -9.29
C LYS A 518 -12.36 -20.01 -10.53
N MET A 519 -11.13 -20.31 -10.93
CA MET A 519 -10.52 -19.62 -12.06
C MET A 519 -10.29 -20.61 -13.19
N GLY A 520 -10.37 -20.11 -14.41
CA GLY A 520 -10.09 -20.88 -15.60
C GLY A 520 -9.80 -19.93 -16.73
N SER A 521 -9.95 -20.41 -17.96
CA SER A 521 -9.52 -19.61 -19.10
C SER A 521 -10.33 -18.31 -19.21
N SER A 522 -11.58 -18.30 -18.75
CA SER A 522 -12.37 -17.08 -18.86
C SER A 522 -12.07 -16.07 -17.77
N SER A 523 -11.20 -16.40 -16.81
CA SER A 523 -10.83 -15.46 -15.76
C SER A 523 -9.95 -14.34 -16.29
N MET A 524 -9.36 -14.52 -17.46
CA MET A 524 -8.59 -13.47 -18.11
C MET A 524 -9.56 -12.60 -18.90
N LYS A 525 -9.77 -11.36 -18.46
CA LYS A 525 -10.81 -10.49 -18.99
C LYS A 525 -10.20 -9.20 -19.53
N ARG A 526 -11.05 -8.28 -19.97
CA ARG A 526 -10.53 -7.06 -20.55
C ARG A 526 -11.51 -5.90 -20.37
N SER A 527 -10.95 -4.70 -20.44
CA SER A 527 -11.71 -3.46 -20.47
C SER A 527 -12.60 -3.31 -19.23
N LEU A 528 -11.96 -3.31 -18.06
CA LEU A 528 -12.73 -3.21 -16.81
C LEU A 528 -13.37 -1.83 -16.70
N ARG A 529 -14.70 -1.79 -16.72
CA ARG A 529 -15.51 -0.57 -16.54
C ARG A 529 -15.01 0.57 -17.44
N THR A 530 -14.81 0.26 -18.72
CA THR A 530 -14.13 1.21 -19.61
C THR A 530 -14.97 2.45 -19.90
N ASN A 531 -16.29 2.32 -19.89
CA ASN A 531 -17.13 3.51 -20.06
C ASN A 531 -16.89 4.50 -18.93
N PHE A 532 -16.76 4.00 -17.70
CA PHE A 532 -16.42 4.88 -16.58
C PHE A 532 -14.97 5.38 -16.67
N LEU A 533 -14.03 4.52 -17.08
CA LEU A 533 -12.67 5.01 -17.27
C LEU A 533 -12.63 6.13 -18.31
N ARG A 534 -13.33 5.93 -19.44
CA ARG A 534 -13.39 6.93 -20.50
C ARG A 534 -14.12 8.18 -20.02
N TYR A 535 -15.20 8.02 -19.24
CA TYR A 535 -15.86 9.20 -18.71
C TYR A 535 -14.88 10.07 -17.93
N TRP A 536 -14.14 9.46 -16.99
CA TRP A 536 -13.29 10.24 -16.09
C TRP A 536 -12.07 10.82 -16.81
N THR A 537 -11.50 10.10 -17.77
CA THR A 537 -10.25 10.53 -18.40
C THR A 537 -10.44 11.35 -19.67
N LEU A 538 -11.60 11.27 -20.30
CA LEU A 538 -11.89 12.06 -21.49
C LEU A 538 -13.02 13.05 -21.23
N THR A 539 -14.23 12.56 -20.97
CA THR A 539 -15.40 13.43 -20.91
C THR A 539 -15.28 14.44 -19.77
N TYR A 540 -15.02 13.96 -18.55
CA TYR A 540 -14.98 14.87 -17.41
C TYR A 540 -13.85 15.88 -17.55
N LEU A 541 -12.71 15.45 -18.07
CA LEU A 541 -11.58 16.38 -18.19
C LEU A 541 -11.81 17.43 -19.27
N ALA A 542 -12.63 17.11 -20.27
CA ALA A 542 -12.97 18.07 -21.31
C ALA A 542 -13.91 19.18 -20.81
N LEU A 543 -14.45 19.07 -19.59
CA LEU A 543 -15.34 20.11 -19.10
C LEU A 543 -14.54 21.32 -18.64
N PRO A 544 -15.07 22.52 -18.86
CA PRO A 544 -14.38 23.73 -18.38
C PRO A 544 -14.29 23.79 -16.87
N THR A 545 -13.12 24.20 -16.38
CA THR A 545 -12.93 24.42 -14.95
C THR A 545 -13.66 25.69 -14.52
N VAL A 546 -14.30 25.63 -13.35
CA VAL A 546 -15.10 26.73 -12.80
C VAL A 546 -14.43 27.23 -11.53
N THR A 547 -14.48 28.56 -11.32
CA THR A 547 -13.94 29.18 -10.12
C THR A 547 -14.96 30.14 -9.50
ZN ZN B . 19.29 0.79 17.73
ZN ZN C . 19.33 6.70 -0.75
ZN ZN D . 11.32 6.38 23.44
ZN ZN E . 3.59 -4.43 18.08
ZN ZN F . -14.03 -16.53 1.51
ZN ZN G . 0.28 -15.05 -22.93
ZN ZN H . 24.85 -16.74 -6.32
ZN ZN I . -11.73 19.00 -0.26
ZN ZN J . -18.77 21.29 -0.85
ZN ZN K . -11.91 -3.74 1.53
ZN ZN L . -6.88 -4.16 0.81
C ACT M . 2.58 -14.08 -22.85
O ACT M . 1.89 -14.15 -23.90
OXT ACT M . 2.24 -14.40 -21.69
CH3 ACT M . 4.03 -13.55 -23.02
C ACT N . 19.43 8.06 1.39
O ACT N . 18.33 8.51 0.97
OXT ACT N . 20.14 7.13 0.94
CH3 ACT N . 20.05 8.76 2.69
C ACT O . 19.81 -1.49 18.44
O ACT O . 18.72 -1.29 17.84
OXT ACT O . 20.62 -0.63 18.89
CH3 ACT O . 20.21 -2.99 18.64
C ACT P . 5.61 -5.12 20.35
O ACT P . 4.94 -4.21 20.92
OXT ACT P . 5.29 -5.83 19.36
CH3 ACT P . 7.02 -5.38 20.97
C ACT Q . 1.12 -4.12 19.99
O ACT Q . 0.74 -5.28 19.65
OXT ACT Q . 1.14 -3.06 19.30
CH3 ACT Q . 1.68 -3.96 21.45
C ACT R . -8.65 -0.97 1.07
O ACT R . -8.89 -2.01 1.75
OXT ACT R . -7.78 -0.79 0.15
CH3 ACT R . -9.54 0.29 1.39
C ACT S . -12.61 16.74 -2.09
O ACT S . -13.15 16.93 -0.96
OXT ACT S . -11.59 17.30 -2.59
CH3 ACT S . -13.34 15.69 -3.01
#